data_7BMH
#
_entry.id   7BMH
#
_cell.length_a   63.540
_cell.length_b   70.780
_cell.length_c   148.020
_cell.angle_alpha   90.000
_cell.angle_beta   90.000
_cell.angle_gamma   90.000
#
_symmetry.space_group_name_H-M   'P 21 21 21'
#
loop_
_entity.id
_entity.type
_entity.pdbx_description
1 polymer Opsin
2 non-polymer EICOSANE
3 non-polymer 'OLEIC ACID'
4 water water
#
_entity_poly.entity_id   1
_entity_poly.type   'polypeptide(L)'
_entity_poly.pdbx_seq_one_letter_code
;MIVDQFEEVLMKTSQLFPLPTATQSAQPTHVAPVPTVLPDTPIYETVGDSGSKTLWVVFVLMLIASAAFTALSWKIPVNR
RLYHVITTIITLTAALSYFAMATGHGVALNKIVIRTQHDHVPDTYETVYRQVYYARYIDWAITTPLLLLDLGLLAGMSGA
HIFMAIVADLIMVLTGLFAAFGSEGTPQKWGWYTIACIAYIFVVWHLVLNGGANARVKGEKLRSFFVAIGAYTLILWTAY
PIVWGLADGARKIGVDGEIIAYAVLDVLA(LYR)GVFGAWLLVTHANLRESDVELNGFWANGLNREGAIRIGEDDGAGTH
HHHHHHHH
;
_entity_poly.pdbx_strand_id   A,B
#
# COMPACT_ATOMS: atom_id res chain seq x y z
N PRO A 42 -27.20 15.86 21.54
CA PRO A 42 -26.77 14.82 20.60
C PRO A 42 -26.43 15.37 19.21
N ILE A 43 -25.23 15.04 18.72
CA ILE A 43 -24.79 15.45 17.40
C ILE A 43 -25.18 14.40 16.37
N TYR A 44 -25.59 14.86 15.18
CA TYR A 44 -25.92 13.98 14.08
C TYR A 44 -24.83 14.05 13.02
N GLU A 45 -24.50 12.91 12.44
CA GLU A 45 -23.61 12.83 11.28
C GLU A 45 -24.41 12.18 10.16
N THR A 46 -24.81 12.98 9.17
CA THR A 46 -25.71 12.55 8.10
C THR A 46 -25.31 13.23 6.79
N VAL A 47 -25.90 12.76 5.68
CA VAL A 47 -25.53 13.29 4.34
C VAL A 47 -25.66 14.78 4.29
N GLY A 48 -24.69 15.42 3.65
CA GLY A 48 -24.80 16.79 3.23
C GLY A 48 -25.03 16.92 1.74
N ASP A 49 -25.00 18.18 1.29
CA ASP A 49 -25.29 18.49 -0.11
C ASP A 49 -24.28 17.83 -1.05
N SER A 50 -22.98 17.92 -0.72
CA SER A 50 -21.98 17.33 -1.59
C SER A 50 -22.10 15.81 -1.61
N GLY A 51 -22.44 15.20 -0.47
CA GLY A 51 -22.66 13.77 -0.45
C GLY A 51 -23.88 13.37 -1.27
N SER A 52 -24.99 14.11 -1.13
CA SER A 52 -26.21 13.77 -1.85
C SER A 52 -26.00 13.82 -3.36
N LYS A 53 -25.30 14.85 -3.83
CA LYS A 53 -25.04 14.98 -5.25
C LYS A 53 -24.14 13.85 -5.75
N THR A 54 -23.14 13.48 -4.94
CA THR A 54 -22.19 12.45 -5.35
C THR A 54 -22.89 11.11 -5.58
N LEU A 55 -23.87 10.78 -4.73
CA LEU A 55 -24.63 9.56 -4.95
C LEU A 55 -25.31 9.57 -6.31
N TRP A 56 -25.95 10.69 -6.67
CA TRP A 56 -26.59 10.79 -7.98
C TRP A 56 -25.56 10.69 -9.10
N VAL A 57 -24.38 11.30 -8.92
CA VAL A 57 -23.33 11.22 -9.93
C VAL A 57 -22.95 9.77 -10.19
N VAL A 58 -22.66 9.02 -9.13
CA VAL A 58 -22.26 7.62 -9.30
C VAL A 58 -23.37 6.81 -9.94
N PHE A 59 -24.61 7.05 -9.53
CA PHE A 59 -25.74 6.37 -10.18
C PHE A 59 -25.71 6.60 -11.70
N VAL A 60 -25.48 7.85 -12.12
CA VAL A 60 -25.47 8.13 -13.55
C VAL A 60 -24.23 7.53 -14.21
N LEU A 61 -23.08 7.60 -13.53
CA LEU A 61 -21.87 7.02 -14.11
C LEU A 61 -22.00 5.52 -14.29
N MET A 62 -22.66 4.83 -13.35
CA MET A 62 -22.82 3.38 -13.49
C MET A 62 -23.72 3.02 -14.66
N LEU A 63 -24.80 3.77 -14.88
CA LEU A 63 -25.65 3.51 -16.05
C LEU A 63 -24.89 3.72 -17.35
N ILE A 64 -24.07 4.76 -17.41
CA ILE A 64 -23.34 5.04 -18.64
C ILE A 64 -22.36 3.93 -18.96
N ALA A 65 -21.60 3.49 -17.94
CA ALA A 65 -20.68 2.38 -18.14
C ALA A 65 -21.43 1.14 -18.61
N SER A 66 -22.60 0.88 -18.01
CA SER A 66 -23.42 -0.25 -18.45
C SER A 66 -23.80 -0.12 -19.92
N ALA A 67 -24.08 1.11 -20.38
CA ALA A 67 -24.44 1.33 -21.78
C ALA A 67 -23.22 1.15 -22.69
N ALA A 68 -22.10 1.76 -22.32
CA ALA A 68 -20.88 1.57 -23.11
C ALA A 68 -20.51 0.10 -23.22
N PHE A 69 -20.59 -0.63 -22.11
CA PHE A 69 -20.22 -2.05 -22.15
C PHE A 69 -21.16 -2.81 -23.06
N THR A 70 -22.44 -2.49 -23.01
CA THR A 70 -23.40 -3.13 -23.92
C THR A 70 -23.05 -2.81 -25.36
N ALA A 71 -22.78 -1.54 -25.66
CA ALA A 71 -22.38 -1.13 -27.00
C ALA A 71 -21.18 -1.93 -27.47
N LEU A 72 -20.19 -2.14 -26.61
CA LEU A 72 -19.05 -2.99 -26.96
C LEU A 72 -19.50 -4.41 -27.26
N SER A 73 -20.47 -4.92 -26.51
CA SER A 73 -20.80 -6.33 -26.63
C SER A 73 -21.50 -6.63 -27.95
N TRP A 74 -22.17 -5.63 -28.54
CA TRP A 74 -22.86 -5.85 -29.82
C TRP A 74 -21.89 -5.98 -30.97
N LYS A 75 -20.60 -5.75 -30.75
CA LYS A 75 -19.60 -5.89 -31.78
C LYS A 75 -19.09 -7.32 -31.90
N ILE A 76 -19.64 -8.26 -31.15
CA ILE A 76 -19.11 -9.63 -31.10
C ILE A 76 -20.26 -10.62 -30.94
N PRO A 77 -20.06 -11.87 -31.36
CA PRO A 77 -21.14 -12.85 -31.32
C PRO A 77 -21.60 -13.13 -29.89
N VAL A 78 -22.87 -13.54 -29.77
CA VAL A 78 -23.49 -13.77 -28.47
C VAL A 78 -22.68 -14.77 -27.65
N ASN A 79 -22.21 -15.85 -28.28
CA ASN A 79 -21.52 -16.89 -27.54
C ASN A 79 -20.22 -16.43 -26.91
N ARG A 80 -19.74 -15.23 -27.24
CA ARG A 80 -18.46 -14.75 -26.75
C ARG A 80 -18.61 -13.51 -25.87
N ARG A 81 -19.78 -13.34 -25.26
CA ARG A 81 -20.09 -12.13 -24.49
C ARG A 81 -20.05 -12.34 -22.98
N LEU A 82 -19.43 -13.44 -22.51
CA LEU A 82 -19.49 -13.78 -21.08
C LEU A 82 -19.01 -12.62 -20.21
N TYR A 83 -17.82 -12.09 -20.50
CA TYR A 83 -17.28 -11.01 -19.67
C TYR A 83 -18.16 -9.78 -19.69
N HIS A 84 -18.70 -9.44 -20.86
CA HIS A 84 -19.56 -8.26 -20.95
C HIS A 84 -20.83 -8.45 -20.13
N VAL A 85 -21.39 -9.67 -20.13
CA VAL A 85 -22.58 -9.89 -19.32
C VAL A 85 -22.26 -9.77 -17.84
N ILE A 86 -21.18 -10.40 -17.39
CA ILE A 86 -20.84 -10.34 -15.97
C ILE A 86 -20.56 -8.89 -15.55
N THR A 87 -19.72 -8.21 -16.33
CA THR A 87 -19.29 -6.86 -15.99
C THR A 87 -20.45 -5.85 -16.08
N THR A 88 -21.40 -6.06 -17.01
CA THR A 88 -22.57 -5.19 -17.08
C THR A 88 -23.53 -5.42 -15.92
N ILE A 89 -23.64 -6.66 -15.43
CA ILE A 89 -24.46 -6.88 -14.25
C ILE A 89 -23.87 -6.17 -13.03
N ILE A 90 -22.54 -6.15 -12.94
CA ILE A 90 -21.86 -5.48 -11.83
C ILE A 90 -22.21 -3.99 -11.80
N THR A 91 -22.09 -3.30 -12.94
CA THR A 91 -22.37 -1.86 -12.92
C THR A 91 -23.87 -1.57 -12.79
N LEU A 92 -24.73 -2.44 -13.34
CA LEU A 92 -26.17 -2.27 -13.14
C LEU A 92 -26.56 -2.41 -11.68
N THR A 93 -26.00 -3.42 -11.01
CA THR A 93 -26.25 -3.59 -9.58
C THR A 93 -25.81 -2.36 -8.79
N ALA A 94 -24.61 -1.84 -9.08
CA ALA A 94 -24.18 -0.62 -8.41
C ALA A 94 -25.11 0.56 -8.75
N ALA A 95 -25.64 0.61 -9.97
CA ALA A 95 -26.62 1.63 -10.31
C ALA A 95 -27.88 1.49 -9.46
N LEU A 96 -28.42 0.27 -9.36
CA LEU A 96 -29.56 0.01 -8.49
C LEU A 96 -29.27 0.38 -7.04
N SER A 97 -28.03 0.19 -6.60
CA SER A 97 -27.67 0.52 -5.22
C SER A 97 -27.56 2.02 -5.04
N TYR A 98 -26.79 2.69 -5.89
CA TYR A 98 -26.65 4.13 -5.72
C TYR A 98 -27.98 4.86 -5.93
N PHE A 99 -28.86 4.34 -6.79
CA PHE A 99 -30.18 4.96 -6.90
C PHE A 99 -30.93 4.87 -5.59
N ALA A 100 -30.84 3.71 -4.91
CA ALA A 100 -31.55 3.53 -3.65
C ALA A 100 -31.01 4.47 -2.55
N MET A 101 -29.69 4.54 -2.41
CA MET A 101 -29.12 5.47 -1.43
C MET A 101 -29.39 6.91 -1.82
N ALA A 102 -29.41 7.21 -3.13
CA ALA A 102 -29.63 8.58 -3.55
C ALA A 102 -31.00 9.08 -3.15
N THR A 103 -32.00 8.19 -3.09
CA THR A 103 -33.32 8.58 -2.66
C THR A 103 -33.59 8.20 -1.21
N GLY A 104 -32.54 7.99 -0.42
CA GLY A 104 -32.66 7.81 1.02
C GLY A 104 -32.99 6.42 1.52
N HIS A 105 -32.72 5.37 0.75
CA HIS A 105 -32.99 3.99 1.16
C HIS A 105 -31.71 3.21 1.44
N GLY A 106 -31.86 2.16 2.23
CA GLY A 106 -30.73 1.37 2.65
C GLY A 106 -29.83 2.05 3.67
N VAL A 107 -30.40 2.93 4.49
CA VAL A 107 -29.65 3.68 5.48
C VAL A 107 -30.29 3.47 6.84
N ALA A 108 -29.45 3.26 7.86
CA ALA A 108 -29.92 3.14 9.23
C ALA A 108 -29.19 4.15 10.09
N LEU A 109 -29.85 4.60 11.14
CA LEU A 109 -29.24 5.53 12.09
C LEU A 109 -28.63 4.69 13.21
N ASN A 110 -27.33 4.88 13.43
CA ASN A 110 -26.61 4.18 14.48
C ASN A 110 -26.42 5.12 15.64
N LYS A 111 -26.87 4.73 16.82
CA LYS A 111 -26.65 5.50 18.03
C LYS A 111 -25.34 5.05 18.67
N ILE A 112 -24.46 6.01 18.94
CA ILE A 112 -23.14 5.74 19.49
C ILE A 112 -22.97 6.58 20.75
N VAL A 113 -22.67 5.93 21.87
CA VAL A 113 -22.41 6.61 23.14
C VAL A 113 -20.91 6.65 23.35
N ILE A 114 -20.38 7.83 23.67
CA ILE A 114 -18.94 8.07 23.72
C ILE A 114 -18.57 8.44 25.15
N ARG A 115 -17.84 7.55 25.82
CA ARG A 115 -17.46 7.72 27.22
C ARG A 115 -16.14 8.48 27.31
N THR A 116 -16.16 9.61 28.02
CA THR A 116 -14.97 10.42 28.25
C THR A 116 -14.43 10.17 29.65
N GLN A 117 -13.14 9.88 29.76
CA GLN A 117 -12.49 9.70 31.05
C GLN A 117 -12.02 11.04 31.59
N HIS A 118 -12.06 11.17 32.91
CA HIS A 118 -11.68 12.42 33.57
C HIS A 118 -10.74 12.15 34.74
N ASP A 119 -10.05 13.20 35.18
CA ASP A 119 -9.07 13.07 36.25
C ASP A 119 -9.75 12.79 37.59
N HIS A 120 -10.50 13.76 38.10
CA HIS A 120 -11.13 13.65 39.41
C HIS A 120 -12.62 13.35 39.34
N VAL A 121 -13.24 13.50 38.17
CA VAL A 121 -14.68 13.37 38.01
C VAL A 121 -14.98 12.00 37.40
N PRO A 122 -16.15 11.42 37.64
CA PRO A 122 -16.53 10.20 36.92
C PRO A 122 -16.70 10.46 35.43
N ASP A 123 -16.75 9.37 34.68
CA ASP A 123 -16.79 9.45 33.23
C ASP A 123 -18.10 10.10 32.75
N THR A 124 -17.98 10.97 31.76
CA THR A 124 -19.12 11.62 31.13
C THR A 124 -19.41 10.96 29.78
N TYR A 125 -20.64 11.15 29.30
CA TYR A 125 -21.13 10.48 28.11
C TYR A 125 -21.69 11.49 27.11
N GLU A 126 -21.50 11.19 25.82
CA GLU A 126 -22.12 11.93 24.73
C GLU A 126 -22.76 10.92 23.78
N THR A 127 -23.72 11.39 22.98
CA THR A 127 -24.45 10.53 22.06
C THR A 127 -24.37 11.06 20.64
N VAL A 128 -23.84 10.24 19.72
CA VAL A 128 -23.76 10.55 18.30
C VAL A 128 -24.69 9.61 17.54
N TYR A 129 -25.39 10.16 16.55
CA TYR A 129 -26.21 9.38 15.62
C TYR A 129 -25.58 9.49 14.24
N ARG A 130 -25.02 8.40 13.73
CA ARG A 130 -24.36 8.41 12.43
C ARG A 130 -25.09 7.48 11.47
N GLN A 131 -25.36 7.97 10.27
CA GLN A 131 -25.93 7.13 9.23
C GLN A 131 -24.96 6.02 8.84
N VAL A 132 -25.47 4.78 8.77
CA VAL A 132 -24.69 3.69 8.20
C VAL A 132 -25.44 3.16 6.98
N TYR A 133 -24.74 3.14 5.85
CA TYR A 133 -25.33 2.86 4.54
C TYR A 133 -25.19 1.37 4.28
N TYR A 134 -26.08 0.59 4.90
CA TYR A 134 -25.95 -0.86 4.75
C TYR A 134 -26.28 -1.35 3.34
N ALA A 135 -26.86 -0.48 2.50
CA ALA A 135 -27.05 -0.82 1.09
C ALA A 135 -25.74 -1.28 0.46
N ARG A 136 -24.60 -0.76 0.91
CA ARG A 136 -23.33 -1.15 0.32
C ARG A 136 -23.03 -2.63 0.55
N TYR A 137 -23.35 -3.15 1.75
CA TYR A 137 -23.03 -4.56 2.03
C TYR A 137 -23.85 -5.50 1.16
N ILE A 138 -25.03 -5.06 0.71
CA ILE A 138 -25.87 -5.87 -0.15
C ILE A 138 -25.36 -5.80 -1.58
N ASP A 139 -24.99 -4.59 -2.03
CA ASP A 139 -24.28 -4.40 -3.29
C ASP A 139 -23.01 -5.25 -3.35
N TRP A 140 -22.11 -5.07 -2.39
CA TRP A 140 -20.83 -5.78 -2.43
C TRP A 140 -21.03 -7.30 -2.43
N ALA A 141 -22.08 -7.79 -1.77
CA ALA A 141 -22.36 -9.22 -1.78
C ALA A 141 -22.69 -9.72 -3.17
N ILE A 142 -23.12 -8.84 -4.08
CA ILE A 142 -23.36 -9.24 -5.46
C ILE A 142 -22.14 -8.94 -6.33
N THR A 143 -21.53 -7.76 -6.21
CA THR A 143 -20.55 -7.35 -7.21
C THR A 143 -19.15 -7.92 -6.95
N THR A 144 -18.70 -7.99 -5.70
CA THR A 144 -17.37 -8.53 -5.46
C THR A 144 -17.25 -10.01 -5.87
N PRO A 145 -18.22 -10.91 -5.63
CA PRO A 145 -18.07 -12.25 -6.20
C PRO A 145 -18.00 -12.23 -7.72
N LEU A 146 -18.72 -11.31 -8.37
CA LEU A 146 -18.76 -11.25 -9.83
C LEU A 146 -17.47 -10.66 -10.39
N LEU A 147 -16.94 -9.64 -9.72
CA LEU A 147 -15.58 -9.18 -10.03
C LEU A 147 -14.61 -10.34 -9.94
N LEU A 148 -14.70 -11.14 -8.87
CA LEU A 148 -13.79 -12.27 -8.70
C LEU A 148 -14.04 -13.35 -9.75
N LEU A 149 -15.29 -13.51 -10.19
CA LEU A 149 -15.55 -14.34 -11.35
C LEU A 149 -14.82 -13.80 -12.57
N ASP A 150 -14.88 -12.48 -12.79
CA ASP A 150 -14.19 -11.88 -13.93
C ASP A 150 -12.70 -12.23 -13.93
N LEU A 151 -12.03 -12.01 -12.79
CA LEU A 151 -10.59 -12.27 -12.71
C LEU A 151 -10.28 -13.76 -12.80
N GLY A 152 -11.11 -14.60 -12.18
CA GLY A 152 -10.86 -16.04 -12.21
C GLY A 152 -11.03 -16.60 -13.60
N LEU A 153 -12.07 -16.17 -14.31
CA LEU A 153 -12.23 -16.56 -15.71
C LEU A 153 -11.04 -16.09 -16.54
N LEU A 154 -10.61 -14.86 -16.32
CA LEU A 154 -9.45 -14.31 -17.04
C LEU A 154 -8.20 -15.16 -16.82
N ALA A 155 -7.94 -15.54 -15.56
CA ALA A 155 -6.75 -16.30 -15.22
C ALA A 155 -6.87 -17.77 -15.60
N GLY A 156 -8.09 -18.27 -15.82
CA GLY A 156 -8.30 -19.69 -16.04
C GLY A 156 -8.38 -20.52 -14.78
N MET A 157 -8.73 -19.92 -13.65
CA MET A 157 -8.95 -20.70 -12.45
C MET A 157 -10.08 -21.70 -12.68
N SER A 158 -10.01 -22.82 -11.96
CA SER A 158 -11.05 -23.82 -12.06
C SER A 158 -12.30 -23.35 -11.35
N GLY A 159 -13.41 -24.01 -11.65
CA GLY A 159 -14.67 -23.66 -10.99
C GLY A 159 -14.60 -23.87 -9.49
N ALA A 160 -13.89 -24.91 -9.05
CA ALA A 160 -13.76 -25.14 -7.62
C ALA A 160 -12.99 -23.99 -6.96
N HIS A 161 -11.94 -23.50 -7.62
CA HIS A 161 -11.14 -22.42 -7.07
C HIS A 161 -11.88 -21.08 -7.13
N ILE A 162 -12.54 -20.79 -8.24
CA ILE A 162 -13.41 -19.61 -8.27
C ILE A 162 -14.42 -19.69 -7.12
N PHE A 163 -14.99 -20.88 -6.88
CA PHE A 163 -15.97 -20.99 -5.81
C PHE A 163 -15.34 -20.68 -4.46
N MET A 164 -14.11 -21.16 -4.23
CA MET A 164 -13.43 -20.93 -2.96
C MET A 164 -13.19 -19.43 -2.70
N ALA A 165 -12.73 -18.71 -3.72
CA ALA A 165 -12.52 -17.28 -3.55
C ALA A 165 -13.81 -16.57 -3.15
N ILE A 166 -14.95 -17.03 -3.70
CA ILE A 166 -16.22 -16.38 -3.44
C ILE A 166 -16.74 -16.71 -2.05
N VAL A 167 -16.44 -17.91 -1.53
CA VAL A 167 -16.78 -18.20 -0.14
C VAL A 167 -16.07 -17.22 0.79
N ALA A 168 -14.75 -17.12 0.63
CA ALA A 168 -13.94 -16.20 1.43
C ALA A 168 -14.42 -14.76 1.27
N ASP A 169 -14.74 -14.37 0.03
CA ASP A 169 -15.25 -13.03 -0.24
C ASP A 169 -16.59 -12.78 0.44
N LEU A 170 -17.50 -13.77 0.43
CA LEU A 170 -18.79 -13.58 1.05
C LEU A 170 -18.69 -13.50 2.58
N ILE A 171 -17.74 -14.24 3.16
CA ILE A 171 -17.48 -14.11 4.59
C ILE A 171 -16.99 -12.70 4.91
N MET A 172 -16.16 -12.14 4.03
CA MET A 172 -15.66 -10.78 4.21
C MET A 172 -16.80 -9.76 4.23
N VAL A 173 -17.69 -9.80 3.25
CA VAL A 173 -18.69 -8.71 3.27
C VAL A 173 -19.72 -8.98 4.35
N LEU A 174 -20.00 -10.25 4.64
CA LEU A 174 -20.96 -10.58 5.71
C LEU A 174 -20.45 -10.12 7.07
N THR A 175 -19.23 -10.52 7.44
CA THR A 175 -18.72 -10.09 8.75
C THR A 175 -18.45 -8.59 8.76
N GLY A 176 -18.18 -8.00 7.59
CA GLY A 176 -18.17 -6.55 7.47
C GLY A 176 -19.48 -5.92 7.90
N LEU A 177 -20.61 -6.55 7.53
CA LEU A 177 -21.93 -6.04 7.91
C LEU A 177 -22.18 -6.19 9.40
N PHE A 178 -21.76 -7.32 9.99
CA PHE A 178 -21.85 -7.48 11.45
C PHE A 178 -21.06 -6.40 12.17
N ALA A 179 -19.82 -6.16 11.72
CA ALA A 179 -18.98 -5.13 12.33
C ALA A 179 -19.62 -3.76 12.22
N ALA A 180 -20.28 -3.50 11.07
CA ALA A 180 -20.96 -2.23 10.84
C ALA A 180 -22.07 -1.99 11.85
N PHE A 181 -22.68 -3.04 12.38
CA PHE A 181 -23.72 -2.91 13.39
C PHE A 181 -23.26 -3.35 14.78
N GLY A 182 -21.99 -3.69 14.94
CA GLY A 182 -21.47 -4.00 16.27
C GLY A 182 -21.37 -2.75 17.12
N SER A 183 -21.80 -2.86 18.37
CA SER A 183 -21.74 -1.74 19.30
C SER A 183 -20.30 -1.36 19.59
N GLU A 184 -20.01 -0.07 19.52
CA GLU A 184 -18.69 0.43 19.93
C GLU A 184 -18.42 0.05 21.39
N GLY A 185 -17.18 -0.33 21.67
CA GLY A 185 -16.81 -0.74 23.00
C GLY A 185 -17.06 -2.19 23.31
N THR A 186 -17.82 -2.90 22.47
CA THR A 186 -18.01 -4.33 22.58
C THR A 186 -17.06 -5.06 21.65
N PRO A 187 -16.75 -6.33 21.92
CA PRO A 187 -15.78 -7.03 21.05
C PRO A 187 -16.27 -7.24 19.63
N GLN A 188 -17.57 -7.11 19.39
CA GLN A 188 -18.12 -7.51 18.10
C GLN A 188 -17.77 -6.52 16.98
N LYS A 189 -17.50 -5.26 17.32
CA LYS A 189 -17.27 -4.28 16.25
C LYS A 189 -15.93 -4.52 15.57
N TRP A 190 -14.82 -4.34 16.30
CA TRP A 190 -13.50 -4.57 15.71
C TRP A 190 -13.21 -6.05 15.53
N GLY A 191 -13.84 -6.91 16.33
CA GLY A 191 -13.61 -8.34 16.17
C GLY A 191 -14.15 -8.87 14.85
N TRP A 192 -15.36 -8.47 14.48
CA TRP A 192 -15.90 -8.90 13.19
C TRP A 192 -15.15 -8.21 12.05
N TYR A 193 -14.72 -6.98 12.25
CA TYR A 193 -13.88 -6.31 11.27
C TYR A 193 -12.61 -7.11 10.99
N THR A 194 -11.92 -7.53 12.05
CA THR A 194 -10.67 -8.26 11.90
C THR A 194 -10.90 -9.58 11.18
N ILE A 195 -12.00 -10.28 11.50
CA ILE A 195 -12.35 -11.50 10.78
C ILE A 195 -12.54 -11.20 9.30
N ALA A 196 -13.23 -10.11 8.98
CA ALA A 196 -13.40 -9.76 7.57
C ALA A 196 -12.06 -9.52 6.89
N CYS A 197 -11.14 -8.82 7.58
CA CYS A 197 -9.80 -8.57 7.03
C CYS A 197 -9.06 -9.87 6.77
N ILE A 198 -9.27 -10.89 7.60
CA ILE A 198 -8.56 -12.15 7.41
C ILE A 198 -9.15 -12.93 6.24
N ALA A 199 -10.49 -12.93 6.12
CA ALA A 199 -11.10 -13.49 4.93
C ALA A 199 -10.65 -12.75 3.68
N TYR A 200 -10.52 -11.43 3.77
CA TYR A 200 -9.97 -10.67 2.65
C TYR A 200 -8.55 -11.13 2.32
N ILE A 201 -7.74 -11.40 3.35
CA ILE A 201 -6.36 -11.81 3.06
C ILE A 201 -6.34 -13.13 2.31
N PHE A 202 -7.29 -14.03 2.61
CA PHE A 202 -7.31 -15.32 1.93
C PHE A 202 -7.72 -15.17 0.47
N VAL A 203 -8.68 -14.28 0.18
CA VAL A 203 -8.95 -13.91 -1.20
C VAL A 203 -7.65 -13.57 -1.92
N VAL A 204 -6.91 -12.59 -1.39
CA VAL A 204 -5.70 -12.13 -2.05
C VAL A 204 -4.72 -13.29 -2.24
N TRP A 205 -4.51 -14.05 -1.16
CA TRP A 205 -3.59 -15.18 -1.17
C TRP A 205 -3.99 -16.19 -2.23
N HIS A 206 -5.28 -16.53 -2.30
CA HIS A 206 -5.74 -17.50 -3.28
C HIS A 206 -5.56 -16.96 -4.71
N LEU A 207 -5.92 -15.71 -4.96
CA LEU A 207 -5.87 -15.25 -6.34
C LEU A 207 -4.45 -15.04 -6.82
N VAL A 208 -3.58 -14.50 -5.96
CA VAL A 208 -2.15 -14.40 -6.26
C VAL A 208 -1.57 -15.76 -6.63
N LEU A 209 -1.74 -16.75 -5.75
CA LEU A 209 -1.11 -18.04 -5.97
C LEU A 209 -1.81 -18.81 -7.08
N ASN A 210 -3.12 -19.03 -6.94
CA ASN A 210 -3.80 -19.90 -7.90
C ASN A 210 -4.18 -19.16 -9.17
N GLY A 211 -4.69 -17.94 -9.04
CA GLY A 211 -4.88 -17.13 -10.23
C GLY A 211 -3.56 -16.87 -10.93
N GLY A 212 -2.51 -16.60 -10.15
CA GLY A 212 -1.21 -16.30 -10.74
C GLY A 212 -0.59 -17.50 -11.44
N ALA A 213 -0.66 -18.68 -10.83
CA ALA A 213 -0.14 -19.88 -11.48
C ALA A 213 -0.93 -20.24 -12.73
N ASN A 214 -2.26 -20.07 -12.69
CA ASN A 214 -3.07 -20.39 -13.85
C ASN A 214 -2.90 -19.38 -14.98
N ALA A 215 -2.66 -18.12 -14.67
CA ALA A 215 -2.46 -17.17 -15.76
C ALA A 215 -1.12 -17.41 -16.46
N ARG A 216 -0.12 -17.94 -15.73
CA ARG A 216 1.14 -18.32 -16.35
C ARG A 216 0.94 -19.26 -17.53
N VAL A 217 0.11 -20.29 -17.34
CA VAL A 217 -0.11 -21.32 -18.35
C VAL A 217 -0.73 -20.78 -19.63
N LYS A 218 -1.30 -19.57 -19.60
CA LYS A 218 -2.04 -19.06 -20.75
C LYS A 218 -1.20 -18.18 -21.66
N GLY A 219 0.06 -17.94 -21.33
CA GLY A 219 0.94 -17.20 -22.20
C GLY A 219 1.23 -15.80 -21.68
N GLU A 220 2.23 -15.17 -22.31
CA GLU A 220 2.80 -13.94 -21.77
C GLU A 220 1.82 -12.77 -21.86
N LYS A 221 1.10 -12.65 -22.97
CA LYS A 221 0.22 -11.49 -23.13
C LYS A 221 -0.93 -11.53 -22.14
N LEU A 222 -1.50 -12.72 -21.90
CA LEU A 222 -2.57 -12.85 -20.92
C LEU A 222 -2.02 -12.67 -19.51
N ARG A 223 -0.91 -13.35 -19.21
CA ARG A 223 -0.32 -13.30 -17.88
C ARG A 223 0.04 -11.88 -17.49
N SER A 224 0.61 -11.09 -18.41
CA SER A 224 0.96 -9.70 -18.12
C SER A 224 -0.28 -8.88 -17.82
N PHE A 225 -1.34 -9.07 -18.62
CA PHE A 225 -2.60 -8.36 -18.40
C PHE A 225 -3.22 -8.72 -17.06
N PHE A 226 -3.28 -10.01 -16.74
CA PHE A 226 -3.85 -10.43 -15.47
C PHE A 226 -3.10 -9.82 -14.29
N VAL A 227 -1.77 -9.81 -14.37
CA VAL A 227 -0.98 -9.27 -13.26
C VAL A 227 -1.26 -7.78 -13.11
N ALA A 228 -1.40 -7.07 -14.23
CA ALA A 228 -1.59 -5.62 -14.17
C ALA A 228 -3.00 -5.27 -13.68
N ILE A 229 -4.03 -5.93 -14.20
CA ILE A 229 -5.37 -5.61 -13.69
C ILE A 229 -5.53 -6.19 -12.29
N GLY A 230 -4.94 -7.35 -12.03
CA GLY A 230 -4.97 -7.90 -10.69
C GLY A 230 -4.34 -6.99 -9.66
N ALA A 231 -3.19 -6.40 -9.99
CA ALA A 231 -2.51 -5.53 -9.03
C ALA A 231 -3.30 -4.26 -8.79
N TYR A 232 -3.89 -3.71 -9.85
CA TYR A 232 -4.82 -2.59 -9.75
C TYR A 232 -5.95 -2.90 -8.77
N THR A 233 -6.56 -4.08 -8.91
CA THR A 233 -7.64 -4.50 -8.03
C THR A 233 -7.18 -4.61 -6.59
N LEU A 234 -6.02 -5.25 -6.38
CA LEU A 234 -5.47 -5.38 -5.04
C LEU A 234 -5.39 -4.03 -4.35
N ILE A 235 -4.87 -3.01 -5.05
CA ILE A 235 -4.72 -1.70 -4.42
C ILE A 235 -6.09 -1.10 -4.10
N LEU A 236 -7.02 -1.19 -5.05
CA LEU A 236 -8.34 -0.59 -4.85
C LEU A 236 -9.10 -1.27 -3.73
N TRP A 237 -9.17 -2.61 -3.74
CA TRP A 237 -9.92 -3.30 -2.70
C TRP A 237 -9.31 -3.05 -1.32
N THR A 238 -7.98 -2.96 -1.26
CA THR A 238 -7.31 -2.69 0.01
C THR A 238 -7.75 -1.35 0.61
N ALA A 239 -8.15 -0.39 -0.23
CA ALA A 239 -8.59 0.90 0.31
C ALA A 239 -9.95 0.84 1.00
N TYR A 240 -10.80 -0.15 0.69
CA TYR A 240 -12.10 -0.19 1.33
C TYR A 240 -12.02 -0.38 2.84
N PRO A 241 -11.32 -1.38 3.39
CA PRO A 241 -11.22 -1.43 4.86
C PRO A 241 -10.57 -0.21 5.46
N ILE A 242 -9.79 0.56 4.68
CA ILE A 242 -9.20 1.79 5.20
C ILE A 242 -10.26 2.87 5.34
N VAL A 243 -11.07 3.07 4.30
CA VAL A 243 -12.20 3.99 4.40
C VAL A 243 -13.09 3.60 5.57
N TRP A 244 -13.35 2.29 5.73
CA TRP A 244 -14.19 1.81 6.83
C TRP A 244 -13.61 2.21 8.19
N GLY A 245 -12.31 1.93 8.41
CA GLY A 245 -11.69 2.34 9.65
C GLY A 245 -11.80 3.83 9.91
N LEU A 246 -11.57 4.65 8.88
CA LEU A 246 -11.72 6.09 9.04
C LEU A 246 -13.17 6.50 9.24
N ALA A 247 -14.11 5.77 8.63
CA ALA A 247 -15.52 6.13 8.74
C ALA A 247 -16.17 5.42 9.93
N ASP A 248 -16.65 4.19 9.72
CA ASP A 248 -17.27 3.44 10.82
C ASP A 248 -16.34 3.33 12.01
N GLY A 249 -15.06 3.08 11.76
CA GLY A 249 -14.14 2.74 12.83
C GLY A 249 -13.91 3.88 13.79
N ALA A 250 -13.24 4.94 13.32
CA ALA A 250 -12.86 6.05 14.17
C ALA A 250 -13.65 7.32 13.94
N ARG A 251 -14.48 7.37 12.89
CA ARG A 251 -15.29 8.55 12.60
C ARG A 251 -14.42 9.78 12.41
N LYS A 252 -13.25 9.61 11.79
CA LYS A 252 -12.36 10.71 11.45
C LYS A 252 -12.80 11.46 10.21
N ILE A 253 -13.70 10.91 9.40
CA ILE A 253 -14.29 11.62 8.27
C ILE A 253 -15.81 11.55 8.41
N GLY A 254 -16.48 12.61 7.94
CA GLY A 254 -17.91 12.66 7.99
C GLY A 254 -18.54 11.75 6.96
N VAL A 255 -19.88 11.71 6.98
CA VAL A 255 -20.62 10.92 6.01
C VAL A 255 -20.31 11.38 4.59
N ASP A 256 -20.25 12.69 4.35
CA ASP A 256 -19.92 13.22 3.03
C ASP A 256 -18.55 12.69 2.57
N GLY A 257 -17.54 12.79 3.44
CA GLY A 257 -16.23 12.30 3.09
C GLY A 257 -16.22 10.80 2.83
N GLU A 258 -16.95 10.05 3.65
CA GLU A 258 -17.07 8.62 3.41
C GLU A 258 -17.68 8.35 2.03
N ILE A 259 -18.77 9.05 1.71
CA ILE A 259 -19.47 8.79 0.46
C ILE A 259 -18.58 9.08 -0.74
N ILE A 260 -17.80 10.17 -0.67
CA ILE A 260 -16.96 10.55 -1.80
C ILE A 260 -15.83 9.56 -1.99
N ALA A 261 -15.28 9.03 -0.89
CA ALA A 261 -14.21 8.05 -0.98
C ALA A 261 -14.70 6.76 -1.61
N TYR A 262 -15.84 6.24 -1.13
CA TYR A 262 -16.43 5.05 -1.74
C TYR A 262 -16.81 5.30 -3.18
N ALA A 263 -17.18 6.53 -3.52
CA ALA A 263 -17.57 6.83 -4.89
C ALA A 263 -16.40 6.68 -5.83
N VAL A 264 -15.25 7.28 -5.48
CA VAL A 264 -14.03 7.11 -6.26
C VAL A 264 -13.70 5.64 -6.43
N LEU A 265 -13.60 4.92 -5.31
CA LEU A 265 -13.22 3.51 -5.38
C LEU A 265 -14.22 2.69 -6.20
N ASP A 266 -15.51 2.90 -5.96
CA ASP A 266 -16.53 2.16 -6.72
C ASP A 266 -16.39 2.41 -8.21
N VAL A 267 -16.22 3.69 -8.60
CA VAL A 267 -16.09 3.98 -10.01
C VAL A 267 -14.83 3.36 -10.57
N LEU A 268 -13.72 3.48 -9.83
CA LEU A 268 -12.48 2.89 -10.31
C LEU A 268 -12.55 1.36 -10.33
N ALA A 269 -13.22 0.77 -9.34
CA ALA A 269 -13.26 -0.71 -9.20
C ALA A 269 -14.30 -1.37 -10.13
N GLY A 271 -16.38 0.70 -13.01
CA GLY A 271 -16.39 1.36 -14.32
C GLY A 271 -15.07 1.23 -15.06
N VAL A 272 -14.00 1.73 -14.45
CA VAL A 272 -12.69 1.73 -15.11
C VAL A 272 -12.18 0.29 -15.27
N PHE A 273 -12.24 -0.48 -14.17
CA PHE A 273 -11.95 -1.92 -14.25
C PHE A 273 -12.62 -2.57 -15.45
N GLY A 274 -13.94 -2.37 -15.58
CA GLY A 274 -14.67 -3.03 -16.64
C GLY A 274 -14.28 -2.53 -18.02
N ALA A 275 -14.10 -1.22 -18.16
CA ALA A 275 -13.70 -0.68 -19.46
C ALA A 275 -12.33 -1.23 -19.85
N TRP A 276 -11.42 -1.36 -18.90
CA TRP A 276 -10.08 -1.94 -19.15
C TRP A 276 -10.21 -3.39 -19.61
N LEU A 277 -10.94 -4.21 -18.87
CA LEU A 277 -11.07 -5.65 -19.20
C LEU A 277 -11.75 -5.85 -20.55
N LEU A 278 -12.88 -5.21 -20.78
CA LEU A 278 -13.67 -5.49 -22.01
C LEU A 278 -12.99 -4.95 -23.28
N VAL A 279 -12.31 -3.80 -23.20
CA VAL A 279 -11.58 -3.27 -24.38
C VAL A 279 -10.38 -4.16 -24.68
N THR A 280 -9.62 -4.52 -23.64
CA THR A 280 -8.45 -5.41 -23.81
C THR A 280 -8.93 -6.75 -24.37
N HIS A 281 -10.05 -7.29 -23.87
CA HIS A 281 -10.60 -8.60 -24.32
C HIS A 281 -10.82 -8.61 -25.83
N ALA A 282 -11.38 -7.52 -26.35
CA ALA A 282 -11.64 -7.41 -27.79
C ALA A 282 -10.36 -7.68 -28.57
N ASN A 283 -9.22 -7.21 -28.07
CA ASN A 283 -7.93 -7.37 -28.79
C ASN A 283 -7.09 -8.55 -28.27
N LEU A 284 -7.61 -9.33 -27.32
CA LEU A 284 -6.80 -10.42 -26.72
C LEU A 284 -7.60 -11.71 -26.75
N ARG A 285 -7.47 -12.50 -27.82
CA ARG A 285 -8.20 -13.80 -27.93
C ARG A 285 -7.71 -14.74 -26.82
N GLU A 286 -6.58 -14.42 -26.20
CA GLU A 286 -6.04 -15.24 -25.09
C GLU A 286 -6.95 -15.13 -23.87
N SER A 287 -7.71 -14.02 -23.74
CA SER A 287 -8.71 -13.79 -22.66
C SER A 287 -9.94 -14.69 -22.86
N ASP A 288 -10.36 -14.89 -24.11
CA ASP A 288 -11.54 -15.74 -24.41
C ASP A 288 -11.32 -17.15 -23.83
N PRO B 42 10.54 19.49 30.85
CA PRO B 42 11.03 19.21 29.49
C PRO B 42 11.14 17.72 29.23
N ILE B 43 10.41 17.23 28.24
CA ILE B 43 10.41 15.81 27.92
C ILE B 43 11.58 15.48 27.00
N TYR B 44 12.27 14.38 27.30
CA TYR B 44 13.32 13.86 26.43
C TYR B 44 12.82 12.62 25.72
N GLU B 45 12.96 12.58 24.40
CA GLU B 45 12.71 11.38 23.62
C GLU B 45 14.06 10.89 23.11
N THR B 46 14.53 9.77 23.66
CA THR B 46 15.89 9.28 23.42
C THR B 46 15.91 7.75 23.53
N VAL B 47 16.97 7.13 22.98
CA VAL B 47 17.09 5.67 22.98
C VAL B 47 16.88 5.13 24.37
N GLY B 48 16.14 4.03 24.45
CA GLY B 48 16.14 3.19 25.62
C GLY B 48 16.82 1.87 25.36
N ASP B 49 16.61 0.95 26.30
CA ASP B 49 17.27 -0.36 26.25
C ASP B 49 16.90 -1.14 24.99
N SER B 50 15.60 -1.20 24.67
CA SER B 50 15.16 -1.85 23.43
C SER B 50 15.88 -1.27 22.22
N GLY B 51 15.85 0.05 22.09
CA GLY B 51 16.49 0.68 20.94
C GLY B 51 17.98 0.42 20.90
N SER B 52 18.64 0.55 22.05
CA SER B 52 20.09 0.32 22.11
C SER B 52 20.47 -1.08 21.65
N LYS B 53 19.72 -2.09 22.10
CA LYS B 53 20.02 -3.46 21.71
C LYS B 53 19.70 -3.69 20.25
N THR B 54 18.66 -3.03 19.73
CA THR B 54 18.30 -3.22 18.34
C THR B 54 19.41 -2.75 17.39
N LEU B 55 20.04 -1.62 17.72
CA LEU B 55 21.13 -1.10 16.89
C LEU B 55 22.29 -2.10 16.82
N TRP B 56 22.64 -2.71 17.95
CA TRP B 56 23.71 -3.69 17.95
C TRP B 56 23.34 -4.92 17.12
N VAL B 57 22.08 -5.37 17.22
CA VAL B 57 21.65 -6.55 16.47
C VAL B 57 21.76 -6.29 14.97
N VAL B 58 21.28 -5.13 14.51
CA VAL B 58 21.33 -4.82 13.08
C VAL B 58 22.78 -4.76 12.62
N PHE B 59 23.65 -4.12 13.41
CA PHE B 59 25.08 -4.12 13.10
C PHE B 59 25.60 -5.55 12.85
N VAL B 60 25.28 -6.48 13.75
CA VAL B 60 25.77 -7.84 13.59
C VAL B 60 25.11 -8.52 12.38
N LEU B 61 23.81 -8.30 12.18
CA LEU B 61 23.17 -8.93 11.03
C LEU B 61 23.75 -8.43 9.72
N MET B 62 24.14 -7.14 9.65
CA MET B 62 24.71 -6.64 8.40
C MET B 62 26.06 -7.29 8.11
N LEU B 63 26.86 -7.51 9.16
CA LEU B 63 28.15 -8.19 8.99
C LEU B 63 27.97 -9.62 8.53
N ILE B 64 27.03 -10.35 9.16
CA ILE B 64 26.76 -11.72 8.75
C ILE B 64 26.29 -11.76 7.30
N ALA B 65 25.39 -10.86 6.93
CA ALA B 65 24.97 -10.79 5.53
C ALA B 65 26.17 -10.57 4.62
N SER B 66 27.04 -9.63 5.00
CA SER B 66 28.22 -9.33 4.21
C SER B 66 29.12 -10.56 4.05
N ALA B 67 29.21 -11.38 5.09
CA ALA B 67 30.04 -12.58 5.02
C ALA B 67 29.40 -13.65 4.13
N ALA B 68 28.08 -13.81 4.24
CA ALA B 68 27.39 -14.78 3.39
C ALA B 68 27.51 -14.40 1.92
N PHE B 69 27.38 -13.12 1.61
CA PHE B 69 27.48 -12.68 0.22
C PHE B 69 28.87 -12.92 -0.31
N THR B 70 29.88 -12.64 0.52
CA THR B 70 31.26 -12.92 0.14
C THR B 70 31.43 -14.40 -0.17
N ALA B 71 30.89 -15.27 0.69
CA ALA B 71 31.02 -16.71 0.50
C ALA B 71 30.38 -17.13 -0.82
N LEU B 72 29.17 -16.64 -1.10
CA LEU B 72 28.53 -16.97 -2.37
C LEU B 72 29.40 -16.55 -3.55
N SER B 73 30.14 -15.46 -3.41
CA SER B 73 30.87 -14.88 -4.53
C SER B 73 32.19 -15.61 -4.79
N TRP B 74 32.68 -16.39 -3.83
CA TRP B 74 33.90 -17.16 -4.06
C TRP B 74 33.66 -18.34 -4.96
N LYS B 75 32.42 -18.76 -5.13
CA LYS B 75 32.07 -19.86 -6.00
C LYS B 75 32.10 -19.48 -7.48
N ILE B 76 32.41 -18.24 -7.82
CA ILE B 76 32.33 -17.80 -9.21
C ILE B 76 33.56 -16.98 -9.57
N PRO B 77 33.87 -16.89 -10.87
CA PRO B 77 35.06 -16.12 -11.28
C PRO B 77 34.90 -14.65 -11.01
N VAL B 78 36.04 -14.00 -10.76
CA VAL B 78 36.06 -12.61 -10.31
C VAL B 78 35.33 -11.71 -11.28
N ASN B 79 35.53 -11.92 -12.59
CA ASN B 79 34.94 -11.04 -13.60
C ASN B 79 33.42 -11.07 -13.58
N ARG B 80 32.79 -11.93 -12.79
CA ARG B 80 31.35 -12.06 -12.76
C ARG B 80 30.76 -11.77 -11.39
N ARG B 81 31.47 -11.04 -10.52
CA ARG B 81 31.04 -10.80 -9.15
C ARG B 81 30.44 -9.40 -8.94
N LEU B 82 30.06 -8.71 -10.02
CA LEU B 82 29.62 -7.31 -9.92
C LEU B 82 28.52 -7.14 -8.88
N TYR B 83 27.46 -7.95 -8.99
CA TYR B 83 26.35 -7.84 -8.03
C TYR B 83 26.80 -8.07 -6.60
N HIS B 84 27.70 -9.05 -6.39
CA HIS B 84 28.13 -9.36 -5.03
C HIS B 84 28.94 -8.22 -4.43
N VAL B 85 29.77 -7.56 -5.24
CA VAL B 85 30.55 -6.43 -4.77
C VAL B 85 29.64 -5.26 -4.39
N ILE B 86 28.67 -4.95 -5.26
CA ILE B 86 27.75 -3.85 -4.98
C ILE B 86 26.91 -4.16 -3.74
N THR B 87 26.41 -5.40 -3.65
CA THR B 87 25.48 -5.75 -2.58
C THR B 87 26.21 -5.88 -1.25
N THR B 88 27.49 -6.25 -1.29
CA THR B 88 28.30 -6.35 -0.08
C THR B 88 28.74 -4.97 0.43
N ILE B 89 29.02 -4.03 -0.46
CA ILE B 89 29.30 -2.66 -0.02
C ILE B 89 28.07 -2.08 0.71
N ILE B 90 26.88 -2.36 0.19
CA ILE B 90 25.64 -1.88 0.80
C ILE B 90 25.50 -2.37 2.23
N THR B 91 25.67 -3.68 2.47
CA THR B 91 25.51 -4.15 3.84
C THR B 91 26.68 -3.73 4.72
N LEU B 92 27.89 -3.60 4.15
CA LEU B 92 29.02 -3.10 4.94
C LEU B 92 28.82 -1.64 5.33
N THR B 93 28.44 -0.80 4.35
CA THR B 93 28.10 0.59 4.68
C THR B 93 27.08 0.65 5.82
N ALA B 94 26.06 -0.24 5.78
CA ALA B 94 25.05 -0.26 6.83
C ALA B 94 25.63 -0.75 8.16
N ALA B 95 26.54 -1.71 8.11
CA ALA B 95 27.25 -2.14 9.31
C ALA B 95 28.02 -0.97 9.93
N LEU B 96 28.78 -0.24 9.13
CA LEU B 96 29.52 0.93 9.62
C LEU B 96 28.59 1.96 10.25
N SER B 97 27.44 2.20 9.62
CA SER B 97 26.50 3.20 10.12
C SER B 97 25.83 2.74 11.40
N TYR B 98 25.38 1.49 11.45
CA TYR B 98 24.77 1.00 12.68
C TYR B 98 25.78 0.88 13.82
N PHE B 99 27.04 0.51 13.52
CA PHE B 99 28.08 0.55 14.56
C PHE B 99 28.24 1.95 15.14
N ALA B 100 28.22 2.97 14.28
CA ALA B 100 28.38 4.34 14.77
C ALA B 100 27.23 4.75 15.68
N MET B 101 25.99 4.50 15.25
CA MET B 101 24.84 4.85 16.09
C MET B 101 24.81 4.02 17.37
N ALA B 102 25.17 2.73 17.29
CA ALA B 102 25.15 1.88 18.46
C ALA B 102 26.08 2.39 19.55
N THR B 103 27.16 3.08 19.18
CA THR B 103 28.08 3.66 20.16
C THR B 103 27.88 5.16 20.30
N GLY B 104 26.71 5.67 19.91
CA GLY B 104 26.32 7.02 20.27
C GLY B 104 26.71 8.11 19.30
N HIS B 105 27.08 7.78 18.07
CA HIS B 105 27.50 8.78 17.10
C HIS B 105 26.45 8.99 16.01
N GLY B 106 26.56 10.15 15.36
CA GLY B 106 25.64 10.48 14.29
C GLY B 106 24.27 10.86 14.78
N VAL B 107 24.17 11.38 16.00
CA VAL B 107 22.90 11.69 16.64
C VAL B 107 22.92 13.13 17.11
N ALA B 108 21.80 13.82 16.94
CA ALA B 108 21.64 15.21 17.32
C ALA B 108 20.38 15.35 18.15
N LEU B 109 20.41 16.27 19.11
CA LEU B 109 19.24 16.61 19.90
C LEU B 109 18.51 17.74 19.18
N ASN B 110 17.27 17.51 18.80
CA ASN B 110 16.42 18.52 18.21
C ASN B 110 15.48 19.04 19.30
N LYS B 111 15.43 20.36 19.45
CA LYS B 111 14.54 21.00 20.41
C LYS B 111 13.25 21.40 19.69
N ILE B 112 12.13 21.12 20.33
CA ILE B 112 10.81 21.35 19.74
C ILE B 112 9.93 21.99 20.80
N VAL B 113 9.30 23.11 20.48
CA VAL B 113 8.42 23.83 21.39
C VAL B 113 6.99 23.76 20.86
N ILE B 114 6.10 23.11 21.63
CA ILE B 114 4.73 22.84 21.21
C ILE B 114 3.76 23.65 22.06
N ARG B 115 3.08 24.62 21.43
CA ARG B 115 2.19 25.54 22.12
C ARG B 115 0.75 25.04 22.06
N THR B 116 0.11 24.97 23.22
CA THR B 116 -1.28 24.53 23.34
C THR B 116 -2.16 25.75 23.63
N GLN B 117 -3.21 25.92 22.83
CA GLN B 117 -4.13 27.05 22.98
C GLN B 117 -5.39 26.61 23.71
N HIS B 118 -5.93 27.50 24.54
CA HIS B 118 -7.13 27.21 25.31
C HIS B 118 -8.34 27.97 24.76
N ASP B 123 -1.78 30.08 26.22
CA ASP B 123 -0.73 29.57 25.34
C ASP B 123 0.28 28.69 26.09
N THR B 124 -0.22 27.63 26.73
CA THR B 124 0.63 26.69 27.43
C THR B 124 1.66 26.08 26.48
N TYR B 125 2.95 26.23 26.82
CA TYR B 125 4.05 25.83 25.96
C TYR B 125 4.87 24.74 26.63
N GLU B 126 5.17 23.67 25.88
CA GLU B 126 6.02 22.58 26.32
C GLU B 126 7.23 22.47 25.40
N THR B 127 8.31 21.91 25.94
CA THR B 127 9.55 21.75 25.20
C THR B 127 9.99 20.29 25.21
N VAL B 128 10.22 19.74 24.02
CA VAL B 128 10.64 18.34 23.86
C VAL B 128 11.99 18.33 23.14
N TYR B 129 12.91 17.52 23.67
CA TYR B 129 14.19 17.25 23.03
C TYR B 129 14.17 15.83 22.48
N ARG B 130 14.31 15.69 21.16
CA ARG B 130 14.23 14.39 20.52
C ARG B 130 15.53 14.14 19.75
N GLN B 131 16.10 12.96 19.95
CA GLN B 131 17.25 12.56 19.15
C GLN B 131 16.85 12.44 17.68
N VAL B 132 17.68 12.97 16.78
CA VAL B 132 17.55 12.68 15.36
C VAL B 132 18.84 12.01 14.89
N TYR B 133 18.70 10.82 14.31
CA TYR B 133 19.83 9.98 13.92
C TYR B 133 20.19 10.32 12.48
N TYR B 134 20.88 11.45 12.32
CA TYR B 134 21.22 11.88 10.97
C TYR B 134 22.21 10.97 10.27
N ALA B 135 22.81 10.01 10.99
CA ALA B 135 23.69 9.04 10.33
C ALA B 135 22.94 8.28 9.25
N ARG B 136 21.62 8.11 9.42
CA ARG B 136 20.83 7.40 8.43
C ARG B 136 20.88 8.08 7.06
N TYR B 137 20.89 9.42 7.04
CA TYR B 137 20.90 10.10 5.75
C TYR B 137 22.23 9.89 5.02
N ILE B 138 23.33 9.86 5.78
CA ILE B 138 24.64 9.60 5.19
C ILE B 138 24.69 8.18 4.66
N ASP B 139 24.12 7.24 5.41
CA ASP B 139 24.07 5.85 4.97
C ASP B 139 23.19 5.74 3.73
N TRP B 140 22.01 6.34 3.75
CA TRP B 140 21.10 6.24 2.62
C TRP B 140 21.71 6.84 1.36
N ALA B 141 22.48 7.93 1.51
CA ALA B 141 23.09 8.59 0.36
C ALA B 141 24.03 7.65 -0.38
N ILE B 142 24.56 6.64 0.30
CA ILE B 142 25.42 5.64 -0.32
C ILE B 142 24.63 4.41 -0.75
N THR B 143 23.76 3.90 0.12
CA THR B 143 23.20 2.56 -0.10
C THR B 143 22.02 2.57 -1.08
N THR B 144 21.17 3.59 -1.04
CA THR B 144 20.05 3.58 -1.98
C THR B 144 20.53 3.81 -3.42
N PRO B 145 21.52 4.67 -3.72
CA PRO B 145 22.04 4.66 -5.09
C PRO B 145 22.60 3.30 -5.50
N LEU B 146 23.25 2.59 -4.57
CA LEU B 146 23.80 1.29 -4.95
C LEU B 146 22.70 0.25 -5.13
N LEU B 147 21.62 0.32 -4.35
CA LEU B 147 20.47 -0.56 -4.58
C LEU B 147 19.83 -0.28 -5.94
N LEU B 148 19.84 0.98 -6.38
CA LEU B 148 19.29 1.32 -7.69
C LEU B 148 20.18 0.80 -8.82
N LEU B 149 21.49 0.95 -8.67
CA LEU B 149 22.43 0.34 -9.60
C LEU B 149 22.16 -1.16 -9.74
N ASP B 150 22.07 -1.87 -8.61
CA ASP B 150 21.71 -3.29 -8.63
C ASP B 150 20.49 -3.54 -9.51
N LEU B 151 19.40 -2.82 -9.28
CA LEU B 151 18.17 -3.07 -10.03
C LEU B 151 18.30 -2.65 -11.48
N GLY B 152 18.97 -1.52 -11.73
CA GLY B 152 19.18 -1.10 -13.11
C GLY B 152 20.05 -2.05 -13.88
N LEU B 153 21.11 -2.56 -13.25
CA LEU B 153 21.92 -3.59 -13.88
C LEU B 153 21.08 -4.82 -14.16
N LEU B 154 20.28 -5.25 -13.18
CA LEU B 154 19.38 -6.38 -13.39
C LEU B 154 18.48 -6.14 -14.61
N ALA B 155 17.81 -4.98 -14.63
CA ALA B 155 16.87 -4.72 -15.72
C ALA B 155 17.57 -4.40 -17.04
N GLY B 156 18.84 -4.02 -17.01
CA GLY B 156 19.52 -3.60 -18.22
C GLY B 156 19.27 -2.16 -18.61
N MET B 157 18.90 -1.31 -17.66
CA MET B 157 18.79 0.11 -17.96
C MET B 157 20.12 0.63 -18.48
N SER B 158 20.08 1.76 -19.18
CA SER B 158 21.31 2.34 -19.65
C SER B 158 22.06 3.02 -18.51
N GLY B 159 23.36 3.23 -18.73
CA GLY B 159 24.11 4.04 -17.79
C GLY B 159 23.47 5.40 -17.56
N ALA B 160 23.04 6.05 -18.63
CA ALA B 160 22.38 7.35 -18.50
C ALA B 160 21.13 7.26 -17.64
N HIS B 161 20.31 6.23 -17.85
CA HIS B 161 19.07 6.10 -17.10
C HIS B 161 19.34 5.72 -15.65
N ILE B 162 20.33 4.86 -15.41
CA ILE B 162 20.78 4.60 -14.05
C ILE B 162 21.23 5.90 -13.38
N PHE B 163 21.94 6.74 -14.14
CA PHE B 163 22.36 8.03 -13.59
C PHE B 163 21.16 8.88 -13.17
N MET B 164 20.13 8.94 -14.02
CA MET B 164 18.97 9.77 -13.71
C MET B 164 18.25 9.30 -12.45
N ALA B 165 18.05 7.99 -12.29
CA ALA B 165 17.49 7.48 -11.04
C ALA B 165 18.33 7.90 -9.84
N ILE B 166 19.66 7.82 -9.97
CA ILE B 166 20.50 8.14 -8.83
C ILE B 166 20.43 9.63 -8.50
N VAL B 167 20.22 10.49 -9.50
CA VAL B 167 20.05 11.93 -9.23
C VAL B 167 18.79 12.17 -8.41
N ALA B 168 17.66 11.60 -8.85
CA ALA B 168 16.41 11.76 -8.13
C ALA B 168 16.48 11.15 -6.73
N ASP B 169 17.14 10.00 -6.61
CA ASP B 169 17.36 9.40 -5.30
C ASP B 169 18.14 10.32 -4.37
N LEU B 170 19.20 10.96 -4.86
CA LEU B 170 20.00 11.79 -3.99
C LEU B 170 19.28 13.06 -3.57
N ILE B 171 18.38 13.57 -4.43
CA ILE B 171 17.54 14.69 -4.03
C ILE B 171 16.59 14.26 -2.91
N MET B 172 16.04 13.05 -3.04
CA MET B 172 15.16 12.51 -2.00
C MET B 172 15.88 12.46 -0.65
N VAL B 173 17.09 11.90 -0.60
CA VAL B 173 17.64 11.74 0.75
C VAL B 173 18.19 13.07 1.24
N LEU B 174 18.68 13.92 0.33
CA LEU B 174 19.19 15.22 0.72
C LEU B 174 18.06 16.12 1.27
N THR B 175 17.00 16.32 0.48
CA THR B 175 15.90 17.12 1.00
C THR B 175 15.27 16.48 2.23
N GLY B 176 15.25 15.14 2.29
CA GLY B 176 14.87 14.47 3.53
C GLY B 176 15.72 14.95 4.70
N LEU B 177 17.03 15.07 4.48
CA LEU B 177 17.93 15.58 5.52
C LEU B 177 17.52 16.99 5.94
N PHE B 178 17.24 17.85 4.97
CA PHE B 178 16.79 19.20 5.27
C PHE B 178 15.50 19.18 6.08
N ALA B 179 14.57 18.29 5.71
CA ALA B 179 13.31 18.20 6.44
C ALA B 179 13.55 17.84 7.90
N ALA B 180 14.47 16.89 8.14
CA ALA B 180 14.73 16.39 9.49
C ALA B 180 15.26 17.49 10.41
N PHE B 181 15.90 18.50 9.85
CA PHE B 181 16.41 19.63 10.62
C PHE B 181 15.60 20.90 10.40
N GLY B 182 14.46 20.80 9.73
CA GLY B 182 13.59 21.97 9.58
C GLY B 182 12.80 22.21 10.85
N SER B 183 12.72 23.48 11.24
CA SER B 183 12.00 23.83 12.47
C SER B 183 10.51 23.58 12.29
N GLU B 184 9.92 22.90 13.26
CA GLU B 184 8.47 22.72 13.28
C GLU B 184 7.79 24.08 13.35
N GLY B 185 6.69 24.21 12.61
CA GLY B 185 6.01 25.48 12.49
C GLY B 185 6.56 26.38 11.42
N THR B 186 7.68 26.03 10.79
CA THR B 186 8.21 26.71 9.63
C THR B 186 7.94 25.87 8.38
N PRO B 187 7.85 26.48 7.21
CA PRO B 187 7.53 25.70 6.00
C PRO B 187 8.61 24.69 5.64
N GLN B 188 9.79 24.76 6.25
CA GLN B 188 10.90 23.91 5.84
C GLN B 188 10.57 22.43 6.07
N LYS B 189 10.00 22.11 7.24
CA LYS B 189 9.90 20.72 7.67
C LYS B 189 9.09 19.88 6.68
N TRP B 190 7.78 20.13 6.61
CA TRP B 190 6.96 19.41 5.66
C TRP B 190 7.22 19.84 4.22
N GLY B 191 7.75 21.05 4.02
CA GLY B 191 8.08 21.50 2.68
C GLY B 191 9.17 20.68 2.03
N TRP B 192 10.31 20.54 2.71
CA TRP B 192 11.36 19.68 2.19
C TRP B 192 10.91 18.23 2.15
N TYR B 193 10.08 17.82 3.11
CA TYR B 193 9.55 16.45 3.12
C TYR B 193 8.73 16.18 1.87
N THR B 194 7.91 17.15 1.44
CA THR B 194 7.10 16.98 0.23
C THR B 194 7.97 16.91 -1.01
N ILE B 195 8.99 17.78 -1.08
CA ILE B 195 9.94 17.70 -2.20
C ILE B 195 10.59 16.32 -2.25
N ALA B 196 10.98 15.78 -1.10
CA ALA B 196 11.60 14.47 -1.10
C ALA B 196 10.64 13.40 -1.61
N CYS B 197 9.37 13.46 -1.19
CA CYS B 197 8.37 12.50 -1.69
C CYS B 197 8.22 12.59 -3.20
N ILE B 198 8.24 13.81 -3.74
CA ILE B 198 8.11 13.95 -5.19
C ILE B 198 9.33 13.39 -5.91
N ALA B 199 10.53 13.62 -5.38
CA ALA B 199 11.72 12.99 -5.95
C ALA B 199 11.61 11.46 -5.86
N TYR B 200 11.11 10.93 -4.75
CA TYR B 200 10.90 9.50 -4.64
C TYR B 200 9.93 9.00 -5.71
N ILE B 201 8.90 9.79 -6.03
CA ILE B 201 7.90 9.35 -7.01
C ILE B 201 8.50 9.26 -8.40
N PHE B 202 9.43 10.17 -8.73
CA PHE B 202 10.12 10.09 -10.01
C PHE B 202 11.03 8.87 -10.08
N VAL B 203 11.64 8.47 -8.95
CA VAL B 203 12.44 7.24 -8.92
C VAL B 203 11.59 6.05 -9.36
N VAL B 204 10.39 5.95 -8.78
CA VAL B 204 9.52 4.81 -9.06
C VAL B 204 9.01 4.85 -10.49
N TRP B 205 8.57 6.04 -10.92
CA TRP B 205 8.08 6.24 -12.28
C TRP B 205 9.15 5.84 -13.29
N HIS B 206 10.39 6.24 -13.05
CA HIS B 206 11.49 5.92 -13.96
C HIS B 206 11.84 4.43 -13.93
N LEU B 207 11.88 3.82 -12.74
CA LEU B 207 12.26 2.41 -12.69
C LEU B 207 11.15 1.51 -13.22
N VAL B 208 9.89 1.87 -12.94
CA VAL B 208 8.75 1.14 -13.50
C VAL B 208 8.74 1.22 -15.02
N LEU B 209 8.86 2.43 -15.58
CA LEU B 209 8.74 2.57 -17.03
C LEU B 209 10.00 2.09 -17.74
N ASN B 210 11.14 2.66 -17.40
CA ASN B 210 12.37 2.37 -18.13
C ASN B 210 13.04 1.09 -17.66
N GLY B 211 13.05 0.83 -16.35
CA GLY B 211 13.48 -0.47 -15.88
C GLY B 211 12.56 -1.59 -16.34
N GLY B 212 11.25 -1.35 -16.30
CA GLY B 212 10.31 -2.39 -16.70
C GLY B 212 10.39 -2.75 -18.17
N ALA B 213 10.47 -1.72 -19.04
CA ALA B 213 10.57 -1.98 -20.47
C ALA B 213 11.86 -2.71 -20.83
N ASN B 214 12.95 -2.42 -20.12
CA ASN B 214 14.23 -3.06 -20.41
C ASN B 214 14.25 -4.49 -19.91
N ALA B 215 13.62 -4.77 -18.78
CA ALA B 215 13.57 -6.14 -18.31
C ALA B 215 12.78 -7.03 -19.26
N ARG B 216 11.71 -6.51 -19.86
CA ARG B 216 10.95 -7.29 -20.84
C ARG B 216 11.85 -7.78 -21.97
N VAL B 217 12.79 -6.94 -22.40
CA VAL B 217 13.68 -7.29 -23.50
C VAL B 217 14.54 -8.51 -23.17
N LYS B 218 14.89 -8.68 -21.90
CA LYS B 218 15.87 -9.68 -21.49
C LYS B 218 15.25 -11.05 -21.23
N GLY B 219 13.98 -11.25 -21.55
CA GLY B 219 13.37 -12.56 -21.49
C GLY B 219 12.46 -12.76 -20.29
N GLU B 220 11.68 -13.85 -20.36
CA GLU B 220 10.61 -14.08 -19.39
C GLU B 220 11.16 -14.28 -17.99
N LYS B 221 12.16 -15.15 -17.83
CA LYS B 221 12.71 -15.43 -16.50
C LYS B 221 13.25 -14.16 -15.86
N LEU B 222 14.08 -13.40 -16.59
CA LEU B 222 14.62 -12.16 -16.04
C LEU B 222 13.50 -11.18 -15.73
N ARG B 223 12.60 -10.98 -16.69
CA ARG B 223 11.47 -10.06 -16.49
C ARG B 223 10.69 -10.42 -15.21
N SER B 224 10.38 -11.69 -15.01
CA SER B 224 9.58 -12.07 -13.85
C SER B 224 10.32 -11.77 -12.55
N PHE B 225 11.63 -12.05 -12.53
CA PHE B 225 12.42 -11.77 -11.34
C PHE B 225 12.46 -10.27 -11.04
N PHE B 226 12.68 -9.45 -12.07
CA PHE B 226 12.71 -8.00 -11.88
C PHE B 226 11.41 -7.49 -11.31
N VAL B 227 10.28 -7.99 -11.82
CA VAL B 227 8.99 -7.51 -11.34
C VAL B 227 8.78 -7.93 -9.89
N ALA B 228 9.18 -9.14 -9.54
CA ALA B 228 9.02 -9.63 -8.18
C ALA B 228 9.88 -8.83 -7.20
N ILE B 229 11.20 -8.79 -7.43
CA ILE B 229 12.06 -8.08 -6.49
C ILE B 229 11.84 -6.57 -6.58
N GLY B 230 11.47 -6.07 -7.75
CA GLY B 230 11.10 -4.67 -7.87
C GLY B 230 9.91 -4.30 -7.01
N ALA B 231 8.86 -5.13 -7.05
CA ALA B 231 7.66 -4.81 -6.27
C ALA B 231 7.93 -4.90 -4.78
N TYR B 232 8.66 -5.94 -4.37
CA TYR B 232 9.16 -6.03 -3.00
C TYR B 232 9.87 -4.75 -2.56
N THR B 233 10.80 -4.26 -3.39
CA THR B 233 11.52 -3.03 -3.09
C THR B 233 10.56 -1.85 -2.96
N LEU B 234 9.56 -1.78 -3.84
CA LEU B 234 8.63 -0.65 -3.83
C LEU B 234 7.86 -0.60 -2.53
N ILE B 235 7.36 -1.75 -2.06
CA ILE B 235 6.63 -1.79 -0.81
C ILE B 235 7.54 -1.38 0.35
N LEU B 236 8.75 -1.93 0.39
CA LEU B 236 9.70 -1.59 1.46
C LEU B 236 10.04 -0.11 1.46
N TRP B 237 10.44 0.44 0.30
CA TRP B 237 10.90 1.83 0.30
C TRP B 237 9.76 2.80 0.66
N THR B 238 8.54 2.50 0.21
CA THR B 238 7.42 3.38 0.56
C THR B 238 7.20 3.45 2.07
N ALA B 239 7.69 2.46 2.83
CA ALA B 239 7.51 2.48 4.28
C ALA B 239 8.39 3.51 4.95
N TYR B 240 9.56 3.83 4.37
CA TYR B 240 10.47 4.77 5.02
C TYR B 240 9.84 6.15 5.21
N PRO B 241 9.26 6.82 4.18
CA PRO B 241 8.59 8.09 4.46
C PRO B 241 7.46 7.96 5.47
N ILE B 242 6.83 6.79 5.57
CA ILE B 242 5.75 6.61 6.53
C ILE B 242 6.29 6.62 7.96
N VAL B 243 7.38 5.87 8.19
CA VAL B 243 8.03 5.89 9.50
C VAL B 243 8.47 7.29 9.85
N TRP B 244 9.03 8.02 8.87
CA TRP B 244 9.45 9.39 9.12
C TRP B 244 8.28 10.26 9.60
N GLY B 245 7.14 10.16 8.92
CA GLY B 245 5.97 10.93 9.34
C GLY B 245 5.53 10.62 10.76
N LEU B 246 5.51 9.32 11.12
CA LEU B 246 5.22 8.94 12.49
C LEU B 246 6.29 9.38 13.47
N ALA B 247 7.56 9.43 13.04
CA ALA B 247 8.68 9.74 13.94
C ALA B 247 8.99 11.23 13.93
N ASP B 248 9.87 11.68 13.03
CA ASP B 248 10.13 13.11 12.89
C ASP B 248 8.81 13.88 12.73
N GLY B 249 7.92 13.37 11.88
CA GLY B 249 6.76 14.13 11.47
C GLY B 249 5.86 14.53 12.61
N ALA B 250 5.23 13.55 13.24
CA ALA B 250 4.23 13.80 14.27
C ALA B 250 4.64 13.29 15.64
N ARG B 251 5.76 12.56 15.73
CA ARG B 251 6.25 12.03 17.00
C ARG B 251 5.22 11.14 17.66
N LYS B 252 4.47 10.38 16.84
CA LYS B 252 3.53 9.39 17.35
C LYS B 252 4.23 8.15 17.89
N ILE B 253 5.45 7.87 17.47
CA ILE B 253 6.24 6.77 18.01
C ILE B 253 7.50 7.33 18.65
N GLY B 254 7.98 6.66 19.69
CA GLY B 254 9.18 7.09 20.36
C GLY B 254 10.41 6.69 19.58
N VAL B 255 11.57 7.10 20.12
CA VAL B 255 12.84 6.77 19.47
C VAL B 255 13.01 5.26 19.36
N ASP B 256 12.68 4.52 20.43
CA ASP B 256 12.81 3.06 20.39
C ASP B 256 11.95 2.46 19.28
N GLY B 257 10.69 2.87 19.20
CA GLY B 257 9.83 2.36 18.14
C GLY B 257 10.33 2.71 16.75
N GLU B 258 10.82 3.93 16.58
CA GLU B 258 11.39 4.34 15.30
C GLU B 258 12.58 3.47 14.92
N ILE B 259 13.49 3.24 15.87
CA ILE B 259 14.70 2.46 15.59
C ILE B 259 14.34 1.04 15.16
N ILE B 260 13.35 0.44 15.83
CA ILE B 260 12.92 -0.91 15.48
C ILE B 260 12.29 -0.94 14.09
N ALA B 261 11.48 0.07 13.77
CA ALA B 261 10.87 0.15 12.45
C ALA B 261 11.93 0.19 11.36
N TYR B 262 12.87 1.13 11.46
CA TYR B 262 13.96 1.22 10.48
C TYR B 262 14.79 -0.05 10.47
N ALA B 263 14.98 -0.68 11.63
CA ALA B 263 15.77 -1.91 11.71
C ALA B 263 15.15 -3.00 10.87
N VAL B 264 13.84 -3.21 10.99
CA VAL B 264 13.14 -4.18 10.15
C VAL B 264 13.28 -3.82 8.67
N LEU B 265 13.04 -2.57 8.32
CA LEU B 265 13.08 -2.20 6.91
C LEU B 265 14.48 -2.35 6.33
N ASP B 266 15.51 -1.91 7.06
CA ASP B 266 16.88 -2.00 6.54
C ASP B 266 17.29 -3.46 6.31
N VAL B 267 16.97 -4.34 7.27
CA VAL B 267 17.30 -5.76 7.12
C VAL B 267 16.55 -6.36 5.93
N LEU B 268 15.29 -6.01 5.75
CA LEU B 268 14.57 -6.53 4.60
C LEU B 268 15.06 -5.87 3.30
N ALA B 269 15.42 -4.59 3.36
CA ALA B 269 15.82 -3.86 2.13
C ALA B 269 17.28 -4.14 1.73
N GLY B 271 19.69 -6.89 3.63
CA GLY B 271 20.04 -8.29 3.90
C GLY B 271 19.25 -9.26 3.05
N VAL B 272 17.93 -9.19 3.14
CA VAL B 272 17.06 -10.15 2.46
C VAL B 272 17.02 -9.85 0.97
N PHE B 273 16.83 -8.58 0.60
CA PHE B 273 17.00 -8.16 -0.79
C PHE B 273 18.27 -8.76 -1.38
N GLY B 274 19.38 -8.63 -0.66
CA GLY B 274 20.65 -9.09 -1.19
C GLY B 274 20.71 -10.59 -1.37
N ALA B 275 20.29 -11.33 -0.35
CA ALA B 275 20.29 -12.79 -0.43
C ALA B 275 19.45 -13.25 -1.61
N TRP B 276 18.25 -12.69 -1.74
CA TRP B 276 17.36 -13.03 -2.85
C TRP B 276 18.04 -12.75 -4.19
N LEU B 277 18.60 -11.55 -4.35
CA LEU B 277 19.25 -11.20 -5.61
C LEU B 277 20.46 -12.09 -5.88
N LEU B 278 21.27 -12.36 -4.86
CA LEU B 278 22.51 -13.09 -5.11
C LEU B 278 22.26 -14.57 -5.34
N VAL B 279 21.36 -15.18 -4.57
CA VAL B 279 21.04 -16.58 -4.77
C VAL B 279 20.41 -16.79 -6.15
N THR B 280 19.43 -15.93 -6.49
CA THR B 280 18.79 -16.04 -7.80
C THR B 280 19.81 -15.86 -8.92
N HIS B 281 20.74 -14.92 -8.76
CA HIS B 281 21.77 -14.68 -9.77
C HIS B 281 22.59 -15.93 -10.06
N ALA B 282 22.96 -16.68 -9.02
CA ALA B 282 23.66 -17.93 -9.22
C ALA B 282 22.85 -18.87 -10.11
N ASN B 283 21.55 -18.98 -9.87
CA ASN B 283 20.72 -19.93 -10.61
C ASN B 283 20.33 -19.44 -11.99
N LEU B 284 20.40 -18.13 -12.24
CA LEU B 284 20.05 -17.57 -13.55
C LEU B 284 21.23 -17.58 -14.50
#